data_7M73
#
_entry.id   7M73
#
_entity_poly.entity_id   1
_entity_poly.type   'polypeptide(L)'
_entity_poly.pdbx_seq_one_letter_code
;GILDIKNKVSNLFKKIK(NH2)
;
_entity_poly.pdbx_strand_id   A
#
loop_
_chem_comp.id
_chem_comp.type
_chem_comp.name
_chem_comp.formula
NH2 non-polymer 'AMINO GROUP' 'H2 N'
#
# COMPACT_ATOMS: atom_id res chain seq x y z
N GLY A 1 -0.18 -4.10 12.24
CA GLY A 1 -1.29 -3.32 11.64
C GLY A 1 -1.61 -3.76 10.23
N ILE A 2 -2.64 -4.58 10.09
CA ILE A 2 -3.03 -5.11 8.79
C ILE A 2 -3.50 -3.99 7.86
N LEU A 3 -4.30 -3.08 8.38
CA LEU A 3 -4.77 -1.94 7.59
C LEU A 3 -3.61 -1.02 7.23
N ASP A 4 -2.75 -0.81 8.19
CA ASP A 4 -1.50 -0.09 7.95
C ASP A 4 -0.75 -0.68 6.78
N ILE A 5 -0.44 -1.97 6.89
CA ILE A 5 0.36 -2.64 5.89
C ILE A 5 -0.31 -2.63 4.50
N LYS A 6 -1.65 -2.74 4.43
CA LYS A 6 -2.33 -2.78 3.15
C LYS A 6 -2.44 -1.37 2.59
N ASN A 7 -2.21 -0.38 3.45
CA ASN A 7 -2.14 1.00 3.00
C ASN A 7 -0.84 1.20 2.24
N LYS A 8 0.22 0.53 2.71
CA LYS A 8 1.51 0.55 2.05
C LYS A 8 1.44 -0.17 0.70
N VAL A 9 0.73 -1.30 0.67
CA VAL A 9 0.57 -2.07 -0.57
C VAL A 9 -0.20 -1.24 -1.59
N SER A 10 -1.13 -0.45 -1.06
CA SER A 10 -1.89 0.48 -1.88
C SER A 10 -0.98 1.56 -2.45
N ASN A 11 -0.08 2.06 -1.61
CA ASN A 11 0.93 3.03 -2.04
C ASN A 11 1.85 2.42 -3.08
N LEU A 12 2.31 1.20 -2.81
CA LEU A 12 3.18 0.48 -3.74
C LEU A 12 2.49 0.25 -5.08
N PHE A 13 1.16 0.30 -5.08
CA PHE A 13 0.39 0.09 -6.30
C PHE A 13 0.58 1.25 -7.26
N LYS A 14 0.61 2.47 -6.73
CA LYS A 14 0.85 3.65 -7.55
C LYS A 14 2.34 3.95 -7.63
N LYS A 15 3.02 3.63 -6.56
CA LYS A 15 4.44 3.82 -6.46
C LYS A 15 5.21 2.93 -7.43
N ILE A 16 4.54 1.91 -7.95
CA ILE A 16 5.21 0.97 -8.85
C ILE A 16 5.11 1.44 -10.30
N LYS A 17 4.07 2.20 -10.61
CA LYS A 17 3.84 2.69 -11.97
C LYS A 17 4.95 3.64 -12.40
N NH2 A 18 5.49 4.44 -11.50
HN1 NH2 A 18 6.34 4.16 -11.09
HN2 NH2 A 18 4.94 5.16 -11.14
N GLY A 1 -1.44 -2.01 11.72
CA GLY A 1 -2.43 -3.11 11.66
C GLY A 1 -2.80 -3.49 10.25
N ILE A 2 -3.99 -4.05 10.06
CA ILE A 2 -4.40 -4.59 8.79
C ILE A 2 -4.67 -3.47 7.76
N LEU A 3 -4.96 -2.28 8.26
CA LEU A 3 -5.14 -1.13 7.37
C LEU A 3 -3.77 -0.65 6.94
N ASP A 4 -2.92 -0.49 7.94
CA ASP A 4 -1.54 -0.02 7.73
C ASP A 4 -0.79 -0.90 6.74
N ILE A 5 -0.88 -2.22 6.91
CA ILE A 5 -0.15 -3.15 6.07
C ILE A 5 -0.55 -3.02 4.60
N LYS A 6 -1.84 -2.80 4.34
CA LYS A 6 -2.33 -2.70 2.97
C LYS A 6 -2.12 -1.27 2.47
N ASN A 7 -1.88 -0.34 3.38
CA ASN A 7 -1.58 1.02 3.00
C ASN A 7 -0.26 1.05 2.25
N LYS A 8 0.70 0.27 2.73
CA LYS A 8 1.96 0.05 2.03
C LYS A 8 1.73 -0.58 0.66
N VAL A 9 0.89 -1.61 0.61
CA VAL A 9 0.63 -2.33 -0.64
C VAL A 9 -0.07 -1.41 -1.63
N SER A 10 -0.93 -0.56 -1.09
CA SER A 10 -1.64 0.44 -1.88
C SER A 10 -0.67 1.47 -2.45
N ASN A 11 0.16 2.01 -1.56
CA ASN A 11 1.18 2.97 -1.96
C ASN A 11 2.10 2.39 -3.01
N LEU A 12 2.67 1.23 -2.73
CA LEU A 12 3.61 0.60 -3.65
C LEU A 12 2.93 0.20 -4.96
N PHE A 13 1.61 0.15 -4.94
CA PHE A 13 0.85 -0.17 -6.13
C PHE A 13 0.70 1.07 -7.02
N LYS A 14 0.30 2.17 -6.42
CA LYS A 14 0.11 3.42 -7.17
C LYS A 14 1.43 4.09 -7.47
N LYS A 15 2.35 3.99 -6.55
CA LYS A 15 3.66 4.59 -6.67
C LYS A 15 4.44 3.96 -7.82
N ILE A 16 4.02 2.79 -8.26
CA ILE A 16 4.73 2.12 -9.35
C ILE A 16 4.12 2.52 -10.69
N LYS A 17 2.83 2.84 -10.67
CA LYS A 17 2.14 3.34 -11.87
C LYS A 17 2.59 4.75 -12.18
N NH2 A 18 3.15 5.48 -11.22
HN1 NH2 A 18 4.09 5.75 -11.34
HN2 NH2 A 18 2.69 5.51 -10.36
N GLY A 1 -1.38 -4.90 11.87
CA GLY A 1 -2.48 -4.00 11.41
C GLY A 1 -2.78 -4.20 9.94
N ILE A 2 -4.00 -4.62 9.65
CA ILE A 2 -4.41 -4.93 8.29
C ILE A 2 -4.56 -3.66 7.44
N LEU A 3 -5.05 -2.60 8.07
CA LEU A 3 -5.23 -1.33 7.37
C LEU A 3 -3.87 -0.77 7.01
N ASP A 4 -3.03 -0.65 8.02
CA ASP A 4 -1.69 -0.10 7.88
C ASP A 4 -0.86 -0.90 6.88
N ILE A 5 -0.94 -2.22 6.94
CA ILE A 5 -0.11 -3.07 6.08
C ILE A 5 -0.52 -2.92 4.62
N LYS A 6 -1.81 -2.75 4.35
CA LYS A 6 -2.28 -2.65 2.99
C LYS A 6 -2.13 -1.21 2.48
N ASN A 7 -1.90 -0.29 3.39
CA ASN A 7 -1.58 1.09 3.03
C ASN A 7 -0.26 1.11 2.28
N LYS A 8 0.70 0.31 2.76
CA LYS A 8 1.97 0.13 2.08
C LYS A 8 1.78 -0.52 0.71
N VAL A 9 0.95 -1.55 0.66
CA VAL A 9 0.70 -2.28 -0.58
C VAL A 9 -0.01 -1.37 -1.57
N SER A 10 -0.88 -0.53 -1.02
CA SER A 10 -1.58 0.48 -1.80
C SER A 10 -0.58 1.46 -2.43
N ASN A 11 0.25 2.04 -1.58
CA ASN A 11 1.25 2.99 -2.04
C ASN A 11 2.17 2.37 -3.07
N LEU A 12 2.68 1.18 -2.80
CA LEU A 12 3.59 0.51 -3.72
C LEU A 12 2.89 0.20 -5.05
N PHE A 13 1.56 0.14 -5.01
CA PHE A 13 0.77 -0.14 -6.20
C PHE A 13 0.62 1.11 -7.05
N LYS A 14 0.28 2.23 -6.42
CA LYS A 14 0.10 3.48 -7.15
C LYS A 14 1.43 4.10 -7.52
N LYS A 15 2.37 3.95 -6.63
CA LYS A 15 3.71 4.47 -6.83
C LYS A 15 4.42 3.77 -7.98
N ILE A 16 3.93 2.59 -8.35
CA ILE A 16 4.59 1.81 -9.38
C ILE A 16 4.03 2.14 -10.75
N LYS A 17 2.75 2.52 -10.79
CA LYS A 17 2.12 2.95 -12.02
C LYS A 17 2.75 4.24 -12.54
N NH2 A 18 3.19 5.11 -11.66
HN1 NH2 A 18 3.79 5.83 -11.97
HN2 NH2 A 18 3.04 4.94 -10.70
N GLY A 1 -0.51 -4.56 11.71
CA GLY A 1 -1.84 -3.98 11.42
C GLY A 1 -2.26 -4.25 10.00
N ILE A 2 -3.52 -4.65 9.82
CA ILE A 2 -4.03 -5.04 8.52
C ILE A 2 -4.23 -3.82 7.63
N LEU A 3 -4.83 -2.78 8.19
CA LEU A 3 -5.10 -1.55 7.44
C LEU A 3 -3.78 -0.88 7.13
N ASP A 4 -2.95 -0.82 8.15
CA ASP A 4 -1.62 -0.21 8.02
C ASP A 4 -0.77 -0.93 6.98
N ILE A 5 -0.80 -2.25 6.98
CA ILE A 5 0.04 -3.03 6.08
C ILE A 5 -0.43 -2.86 4.63
N LYS A 6 -1.74 -2.83 4.42
CA LYS A 6 -2.28 -2.72 3.08
C LYS A 6 -2.20 -1.27 2.59
N ASN A 7 -1.98 -0.35 3.52
CA ASN A 7 -1.78 1.05 3.16
C ASN A 7 -0.48 1.19 2.38
N LYS A 8 0.53 0.43 2.80
CA LYS A 8 1.78 0.37 2.07
C LYS A 8 1.58 -0.26 0.70
N VAL A 9 0.82 -1.35 0.65
CA VAL A 9 0.58 -2.08 -0.59
C VAL A 9 -0.22 -1.22 -1.55
N SER A 10 -1.06 -0.38 -0.98
CA SER A 10 -1.78 0.62 -1.75
C SER A 10 -0.79 1.58 -2.40
N ASN A 11 0.17 2.05 -1.61
CA ASN A 11 1.18 2.98 -2.09
C ASN A 11 2.03 2.35 -3.18
N LEU A 12 2.63 1.19 -2.90
CA LEU A 12 3.51 0.56 -3.87
C LEU A 12 2.76 0.15 -5.14
N PHE A 13 1.44 0.15 -5.06
CA PHE A 13 0.60 -0.17 -6.20
C PHE A 13 0.58 0.99 -7.20
N LYS A 14 0.47 2.22 -6.68
CA LYS A 14 0.47 3.39 -7.55
C LYS A 14 1.87 3.94 -7.74
N LYS A 15 2.65 3.89 -6.69
CA LYS A 15 4.01 4.40 -6.69
C LYS A 15 4.89 3.65 -7.68
N ILE A 16 4.43 2.47 -8.09
CA ILE A 16 5.22 1.65 -9.00
C ILE A 16 4.99 2.10 -10.45
N LYS A 17 3.81 2.67 -10.69
CA LYS A 17 3.45 3.17 -12.02
C LYS A 17 4.38 4.29 -12.44
N NH2 A 18 4.80 5.16 -11.53
HN1 NH2 A 18 4.24 5.94 -11.36
HN2 NH2 A 18 5.52 4.86 -10.92
N GLY A 1 -2.03 -2.41 12.32
CA GLY A 1 -3.07 -3.34 11.81
C GLY A 1 -2.92 -3.60 10.33
N ILE A 2 -3.81 -4.44 9.78
CA ILE A 2 -3.78 -4.76 8.36
C ILE A 2 -4.07 -3.53 7.51
N LEU A 3 -4.82 -2.60 8.10
CA LEU A 3 -5.09 -1.31 7.46
C LEU A 3 -3.79 -0.60 7.13
N ASP A 4 -2.89 -0.61 8.09
CA ASP A 4 -1.56 -0.03 7.92
C ASP A 4 -0.78 -0.75 6.85
N ILE A 5 -0.72 -2.08 6.95
CA ILE A 5 0.11 -2.86 6.04
C ILE A 5 -0.42 -2.78 4.61
N LYS A 6 -1.75 -2.82 4.44
CA LYS A 6 -2.33 -2.78 3.11
C LYS A 6 -2.26 -1.36 2.54
N ASN A 7 -1.99 -0.39 3.40
CA ASN A 7 -1.79 0.97 2.95
C ASN A 7 -0.49 1.07 2.17
N LYS A 8 0.50 0.29 2.60
CA LYS A 8 1.78 0.23 1.89
C LYS A 8 1.62 -0.52 0.58
N VAL A 9 0.81 -1.58 0.58
CA VAL A 9 0.56 -2.37 -0.62
C VAL A 9 -0.17 -1.50 -1.64
N SER A 10 -1.00 -0.61 -1.12
CA SER A 10 -1.69 0.37 -1.93
C SER A 10 -0.72 1.42 -2.45
N ASN A 11 0.14 1.91 -1.56
CA ASN A 11 1.17 2.88 -1.94
C ASN A 11 2.07 2.32 -3.02
N LEU A 12 2.59 1.13 -2.79
CA LEU A 12 3.50 0.48 -3.75
C LEU A 12 2.81 0.28 -5.10
N PHE A 13 1.49 0.19 -5.07
CA PHE A 13 0.72 -0.06 -6.27
C PHE A 13 0.59 1.22 -7.11
N LYS A 14 0.48 2.35 -6.43
CA LYS A 14 0.32 3.62 -7.12
C LYS A 14 1.66 4.27 -7.40
N LYS A 15 2.61 3.96 -6.55
CA LYS A 15 3.94 4.45 -6.65
C LYS A 15 4.66 3.71 -7.78
N ILE A 16 4.12 2.55 -8.16
CA ILE A 16 4.73 1.77 -9.24
C ILE A 16 4.19 2.21 -10.60
N LYS A 17 2.92 2.63 -10.61
CA LYS A 17 2.32 3.15 -11.83
C LYS A 17 2.97 4.45 -12.24
N NH2 A 18 3.42 5.26 -11.30
HN1 NH2 A 18 2.93 5.28 -10.44
HN2 NH2 A 18 4.30 5.67 -11.42
N GLY A 1 -2.73 -2.11 12.47
CA GLY A 1 -3.76 -3.05 11.97
C GLY A 1 -3.50 -3.49 10.55
N ILE A 2 -4.45 -4.17 9.96
CA ILE A 2 -4.32 -4.69 8.61
C ILE A 2 -4.32 -3.55 7.58
N LEU A 3 -5.18 -2.56 7.79
CA LEU A 3 -5.24 -1.43 6.88
C LEU A 3 -3.90 -0.71 6.81
N ASP A 4 -3.28 -0.59 7.96
CA ASP A 4 -1.93 -0.03 8.07
C ASP A 4 -0.96 -0.74 7.13
N ILE A 5 -0.98 -2.07 7.12
CA ILE A 5 -0.02 -2.84 6.34
C ILE A 5 -0.38 -2.82 4.86
N LYS A 6 -1.67 -2.73 4.52
CA LYS A 6 -2.08 -2.75 3.13
C LYS A 6 -2.00 -1.33 2.58
N ASN A 7 -1.86 -0.35 3.47
CA ASN A 7 -1.58 1.01 3.06
C ASN A 7 -0.25 1.06 2.32
N LYS A 8 0.73 0.34 2.86
CA LYS A 8 2.04 0.23 2.24
C LYS A 8 1.95 -0.47 0.89
N VAL A 9 1.12 -1.49 0.81
CA VAL A 9 0.95 -2.27 -0.42
C VAL A 9 0.17 -1.45 -1.44
N SER A 10 -0.75 -0.65 -0.94
CA SER A 10 -1.51 0.26 -1.77
C SER A 10 -0.63 1.36 -2.33
N ASN A 11 0.28 1.86 -1.51
CA ASN A 11 1.29 2.82 -1.95
C ASN A 11 2.05 2.26 -3.13
N LEU A 12 2.52 1.02 -2.99
CA LEU A 12 3.26 0.34 -4.04
C LEU A 12 2.46 0.23 -5.33
N PHE A 13 1.14 0.29 -5.21
CA PHE A 13 0.24 0.15 -6.35
C PHE A 13 0.23 1.41 -7.20
N LYS A 14 0.26 2.56 -6.56
CA LYS A 14 0.25 3.83 -7.29
C LYS A 14 1.66 4.29 -7.59
N LYS A 15 2.57 3.91 -6.72
CA LYS A 15 3.93 4.25 -6.84
C LYS A 15 4.57 3.45 -7.98
N ILE A 16 3.90 2.37 -8.37
CA ILE A 16 4.38 1.55 -9.47
C ILE A 16 3.88 2.14 -10.80
N LYS A 17 2.70 2.73 -10.75
CA LYS A 17 2.13 3.39 -11.91
C LYS A 17 2.91 4.66 -12.24
N NH2 A 18 3.54 5.29 -11.26
HN1 NH2 A 18 3.16 5.23 -10.36
HN2 NH2 A 18 4.45 5.63 -11.44
N GLY A 1 -1.23 -3.97 12.11
CA GLY A 1 -2.58 -3.75 11.57
C GLY A 1 -2.69 -4.15 10.11
N ILE A 2 -3.72 -4.91 9.77
CA ILE A 2 -3.90 -5.38 8.42
C ILE A 2 -4.26 -4.23 7.48
N LEU A 3 -4.82 -3.17 8.03
CA LEU A 3 -5.06 -1.96 7.26
C LEU A 3 -3.79 -1.16 7.15
N ASP A 4 -3.08 -1.06 8.26
CA ASP A 4 -1.77 -0.41 8.29
C ASP A 4 -0.85 -0.96 7.21
N ILE A 5 -0.89 -2.27 7.01
CA ILE A 5 -0.02 -2.90 6.02
C ILE A 5 -0.52 -2.66 4.59
N LYS A 6 -1.84 -2.66 4.35
CA LYS A 6 -2.35 -2.50 3.01
C LYS A 6 -2.25 -1.04 2.59
N ASN A 7 -2.04 -0.18 3.59
CA ASN A 7 -1.73 1.22 3.36
C ASN A 7 -0.46 1.33 2.51
N LYS A 8 0.56 0.57 2.90
CA LYS A 8 1.82 0.54 2.17
C LYS A 8 1.64 -0.08 0.79
N VAL A 9 0.90 -1.18 0.72
CA VAL A 9 0.72 -1.91 -0.52
C VAL A 9 -0.05 -1.06 -1.53
N SER A 10 -0.93 -0.23 -1.01
CA SER A 10 -1.67 0.72 -1.82
C SER A 10 -0.72 1.70 -2.50
N ASN A 11 0.23 2.22 -1.73
CA ASN A 11 1.26 3.11 -2.27
C ASN A 11 2.13 2.36 -3.25
N LEU A 12 2.58 1.18 -2.86
CA LEU A 12 3.43 0.34 -3.70
C LEU A 12 2.75 0.01 -5.03
N PHE A 13 1.43 0.07 -5.03
CA PHE A 13 0.65 -0.20 -6.24
C PHE A 13 0.62 1.02 -7.16
N LYS A 14 0.45 2.20 -6.57
CA LYS A 14 0.35 3.41 -7.37
C LYS A 14 1.71 3.95 -7.75
N LYS A 15 2.67 3.72 -6.90
CA LYS A 15 4.00 4.14 -7.09
C LYS A 15 4.67 3.22 -8.11
N ILE A 16 4.08 2.05 -8.31
CA ILE A 16 4.66 1.07 -9.22
C ILE A 16 4.32 1.44 -10.66
N LYS A 17 3.18 2.11 -10.84
CA LYS A 17 2.80 2.62 -12.15
C LYS A 17 3.65 3.84 -12.50
N NH2 A 18 4.24 4.50 -11.52
HN1 NH2 A 18 3.66 4.95 -10.86
HN2 NH2 A 18 5.19 4.34 -11.38
N GLY A 1 -2.08 -2.82 11.98
CA GLY A 1 -3.18 -3.70 11.54
C GLY A 1 -3.18 -3.92 10.04
N ILE A 2 -4.24 -4.55 9.54
CA ILE A 2 -4.36 -4.87 8.13
C ILE A 2 -4.45 -3.61 7.29
N LEU A 3 -5.20 -2.63 7.77
CA LEU A 3 -5.34 -1.37 7.06
C LEU A 3 -3.98 -0.69 6.89
N ASP A 4 -3.23 -0.66 7.98
CA ASP A 4 -1.87 -0.14 7.98
C ASP A 4 -1.00 -0.86 6.95
N ILE A 5 -0.97 -2.19 7.02
CA ILE A 5 -0.07 -2.96 6.19
C ILE A 5 -0.45 -2.88 4.70
N LYS A 6 -1.74 -2.76 4.41
CA LYS A 6 -2.20 -2.67 3.04
C LYS A 6 -2.01 -1.26 2.51
N ASN A 7 -1.82 -0.32 3.43
CA ASN A 7 -1.55 1.05 3.05
C ASN A 7 -0.18 1.12 2.37
N LYS A 8 0.73 0.28 2.84
CA LYS A 8 2.03 0.13 2.21
C LYS A 8 1.88 -0.47 0.81
N VAL A 9 1.03 -1.49 0.71
CA VAL A 9 0.81 -2.20 -0.55
C VAL A 9 0.12 -1.27 -1.54
N SER A 10 -0.76 -0.44 -1.01
CA SER A 10 -1.46 0.57 -1.79
C SER A 10 -0.47 1.57 -2.37
N ASN A 11 0.44 2.03 -1.53
CA ASN A 11 1.47 2.97 -1.96
C ASN A 11 2.32 2.34 -3.05
N LEU A 12 2.75 1.11 -2.80
CA LEU A 12 3.55 0.36 -3.78
C LEU A 12 2.80 0.24 -5.12
N PHE A 13 1.48 0.14 -5.02
CA PHE A 13 0.66 -0.09 -6.19
C PHE A 13 0.51 1.18 -7.02
N LYS A 14 0.20 2.29 -6.36
CA LYS A 14 -0.04 3.55 -7.07
C LYS A 14 1.27 4.18 -7.52
N LYS A 15 2.32 3.92 -6.77
CA LYS A 15 3.62 4.41 -7.08
C LYS A 15 4.17 3.65 -8.28
N ILE A 16 3.61 2.48 -8.52
CA ILE A 16 4.10 1.63 -9.62
C ILE A 16 3.34 1.96 -10.90
N LYS A 17 2.08 2.36 -10.76
CA LYS A 17 1.27 2.79 -11.89
C LYS A 17 1.73 4.15 -12.39
N NH2 A 18 1.67 4.41 -13.68
HN1 NH2 A 18 2.49 4.70 -14.12
HN2 NH2 A 18 0.87 4.10 -14.17
N GLY A 1 -2.35 -3.79 12.48
CA GLY A 1 -3.46 -3.19 11.69
C GLY A 1 -3.38 -3.55 10.23
N ILE A 2 -4.42 -4.21 9.72
CA ILE A 2 -4.46 -4.60 8.32
C ILE A 2 -4.54 -3.37 7.42
N LEU A 3 -5.14 -2.30 7.93
CA LEU A 3 -5.18 -1.03 7.23
C LEU A 3 -3.76 -0.54 6.95
N ASP A 4 -2.96 -0.53 8.01
CA ASP A 4 -1.57 -0.11 7.94
C ASP A 4 -0.78 -0.92 6.92
N ILE A 5 -0.89 -2.24 6.97
CA ILE A 5 -0.10 -3.10 6.09
C ILE A 5 -0.53 -2.95 4.63
N LYS A 6 -1.84 -2.84 4.39
CA LYS A 6 -2.34 -2.72 3.04
C LYS A 6 -2.19 -1.29 2.54
N ASN A 7 -1.92 -0.37 3.45
CA ASN A 7 -1.60 1.01 3.07
C ASN A 7 -0.31 1.02 2.26
N LYS A 8 0.67 0.25 2.72
CA LYS A 8 1.93 0.09 2.01
C LYS A 8 1.72 -0.61 0.66
N VAL A 9 0.90 -1.65 0.65
CA VAL A 9 0.61 -2.40 -0.57
C VAL A 9 -0.10 -1.50 -1.57
N SER A 10 -0.92 -0.63 -1.03
CA SER A 10 -1.62 0.36 -1.83
C SER A 10 -0.63 1.36 -2.40
N ASN A 11 0.22 1.92 -1.54
CA ASN A 11 1.22 2.89 -1.94
C ASN A 11 2.11 2.33 -3.05
N LEU A 12 2.69 1.17 -2.80
CA LEU A 12 3.60 0.55 -3.76
C LEU A 12 2.89 0.18 -5.06
N PHE A 13 1.57 0.14 -5.03
CA PHE A 13 0.79 -0.17 -6.21
C PHE A 13 0.64 1.07 -7.09
N LYS A 14 0.43 2.22 -6.48
CA LYS A 14 0.19 3.44 -7.25
C LYS A 14 1.49 4.18 -7.53
N LYS A 15 2.43 4.08 -6.63
CA LYS A 15 3.66 4.77 -6.74
C LYS A 15 4.51 4.12 -7.84
N ILE A 16 4.14 2.90 -8.19
CA ILE A 16 4.88 2.16 -9.22
C ILE A 16 4.45 2.63 -10.61
N LYS A 17 3.22 3.12 -10.70
CA LYS A 17 2.67 3.59 -11.96
C LYS A 17 3.38 4.85 -12.44
N NH2 A 18 3.97 5.62 -11.54
HN1 NH2 A 18 4.85 6.00 -11.76
HN2 NH2 A 18 3.46 5.86 -10.73
N GLY A 1 -0.62 -3.59 11.97
CA GLY A 1 -2.00 -3.20 11.61
C GLY A 1 -2.41 -3.74 10.26
N ILE A 2 -3.65 -4.16 10.12
CA ILE A 2 -4.15 -4.77 8.90
C ILE A 2 -4.40 -3.73 7.83
N LEU A 3 -4.94 -2.58 8.22
CA LEU A 3 -5.22 -1.51 7.28
C LEU A 3 -3.96 -0.68 7.07
N ASP A 4 -3.11 -0.68 8.08
CA ASP A 4 -1.82 -0.03 7.99
C ASP A 4 -0.94 -0.77 7.00
N ILE A 5 -0.96 -2.10 7.04
CA ILE A 5 -0.10 -2.89 6.18
C ILE A 5 -0.53 -2.79 4.72
N LYS A 6 -1.85 -2.64 4.46
CA LYS A 6 -2.34 -2.60 3.09
C LYS A 6 -2.19 -1.19 2.54
N ASN A 7 -1.93 -0.23 3.43
CA ASN A 7 -1.62 1.13 3.02
C ASN A 7 -0.30 1.13 2.25
N LYS A 8 0.65 0.34 2.75
CA LYS A 8 1.95 0.21 2.10
C LYS A 8 1.81 -0.53 0.77
N VAL A 9 0.96 -1.56 0.74
CA VAL A 9 0.74 -2.32 -0.48
C VAL A 9 0.09 -1.43 -1.52
N SER A 10 -0.78 -0.55 -1.04
CA SER A 10 -1.41 0.44 -1.88
C SER A 10 -0.39 1.41 -2.45
N ASN A 11 0.50 1.90 -1.60
CA ASN A 11 1.58 2.78 -2.03
C ASN A 11 2.40 2.11 -3.12
N LEU A 12 2.72 0.83 -2.90
CA LEU A 12 3.49 0.04 -3.86
C LEU A 12 2.80 0.00 -5.22
N PHE A 13 1.48 0.03 -5.19
CA PHE A 13 0.68 -0.07 -6.40
C PHE A 13 0.59 1.27 -7.10
N LYS A 14 0.34 2.32 -6.34
CA LYS A 14 0.07 3.62 -6.93
C LYS A 14 1.33 4.33 -7.38
N LYS A 15 2.41 4.12 -6.66
CA LYS A 15 3.62 4.79 -7.00
C LYS A 15 4.25 4.15 -8.22
N ILE A 16 3.80 2.93 -8.49
CA ILE A 16 4.34 2.19 -9.63
C ILE A 16 3.48 2.45 -10.87
N LYS A 17 2.17 2.55 -10.66
CA LYS A 17 1.26 2.90 -11.74
C LYS A 17 1.41 4.36 -12.13
N NH2 A 18 1.84 5.22 -11.22
HN1 NH2 A 18 2.36 6.00 -11.53
HN2 NH2 A 18 1.55 5.10 -10.29
#